data_4DKA
#
_entry.id   4DKA
#
_cell.length_a   102.653
_cell.length_b   105.912
_cell.length_c   40.580
_cell.angle_alpha   90.000
_cell.angle_beta   90.000
_cell.angle_gamma   90.000
#
_symmetry.space_group_name_H-M   'P 21 21 2'
#
loop_
_entity.id
_entity.type
_entity.pdbx_description
1 polymer 'single domain antibody VHH'
2 polymer 'RNA-editing complex protein MP81'
3 non-polymer 'SODIUM ION'
4 water water
#
loop_
_entity_poly.entity_id
_entity_poly.type
_entity_poly.pdbx_seq_one_letter_code
_entity_poly.pdbx_strand_id
1 'polypeptide(L)'
;QVQLQESGGGLVQAGGSLRLSCAASGRTSSLYSMGWFRQAPGKEREFVAAISRNGANTYYTDSVKGRFTISRDNAKNTVE
LQMNSLKPEDTAVYYCAADRFPTMEVVTIMTNEYDYWGQGTQVTVSS
;
A,B
2 'polypeptide(L)'
;RAGSNALMIGRIADVQHGFLGAMTVTQYVLEVDGGASGEKEFIVIRCMGDNFPASLLKDQVKLGSRVLVQGTLRMNRHVD
DVSKRLHAYPFIQVVPPLGYVKVVG
;
C,D
#
loop_
_chem_comp.id
_chem_comp.type
_chem_comp.name
_chem_comp.formula
NA non-polymer 'SODIUM ION' 'Na 1'
#
# COMPACT_ATOMS: atom_id res chain seq x y z
N GLN A 1 -9.11 4.58 -18.72
CA GLN A 1 -10.57 4.85 -18.75
C GLN A 1 -10.99 5.74 -17.60
N VAL A 2 -10.00 6.30 -16.90
CA VAL A 2 -10.23 7.28 -15.83
C VAL A 2 -9.34 8.50 -16.03
N GLN A 3 -9.92 9.69 -15.86
CA GLN A 3 -9.19 10.95 -15.91
C GLN A 3 -9.34 11.69 -14.58
N LEU A 4 -8.21 12.18 -14.06
CA LEU A 4 -8.20 13.00 -12.84
C LEU A 4 -7.68 14.39 -13.18
N GLN A 5 -8.36 15.41 -12.66
CA GLN A 5 -8.04 16.80 -12.97
C GLN A 5 -8.02 17.66 -11.72
N GLU A 6 -6.84 18.19 -11.40
CA GLU A 6 -6.66 19.05 -10.22
C GLU A 6 -7.03 20.49 -10.51
N SER A 7 -7.34 21.22 -9.44
CA SER A 7 -7.52 22.67 -9.49
C SER A 7 -7.28 23.27 -8.11
N GLY A 8 -7.08 24.58 -8.07
CA GLY A 8 -7.00 25.32 -6.81
C GLY A 8 -5.61 25.69 -6.34
N GLY A 9 -4.58 25.37 -7.12
CA GLY A 9 -3.20 25.70 -6.75
C GLY A 9 -2.88 27.18 -6.88
N GLY A 10 -1.61 27.54 -6.66
CA GLY A 10 -1.19 28.93 -6.81
C GLY A 10 -0.22 29.37 -5.73
N LEU A 11 -0.03 30.69 -5.63
CA LEU A 11 0.90 31.28 -4.69
C LEU A 11 0.20 31.85 -3.46
N VAL A 12 0.74 31.54 -2.28
CA VAL A 12 0.28 32.14 -1.03
C VAL A 12 1.47 32.52 -0.15
N GLN A 13 1.26 33.44 0.77
CA GLN A 13 2.25 33.74 1.80
C GLN A 13 2.24 32.65 2.88
N ALA A 14 3.37 32.49 3.57
CA ALA A 14 3.47 31.59 4.71
C ALA A 14 2.39 31.90 5.75
N GLY A 15 1.78 30.86 6.31
CA GLY A 15 0.68 31.03 7.25
C GLY A 15 -0.68 31.06 6.58
N GLY A 16 -0.68 31.17 5.25
CA GLY A 16 -1.92 31.23 4.48
C GLY A 16 -2.55 29.89 4.22
N SER A 17 -3.59 29.88 3.39
CA SER A 17 -4.31 28.66 3.08
C SER A 17 -4.69 28.52 1.61
N LEU A 18 -4.84 27.28 1.16
CA LEU A 18 -5.38 26.96 -0.15
C LEU A 18 -6.26 25.72 -0.04
N ARG A 19 -7.22 25.60 -0.94
CA ARG A 19 -8.05 24.42 -1.05
C ARG A 19 -7.88 23.81 -2.44
N LEU A 20 -7.26 22.64 -2.50
CA LEU A 20 -7.13 21.91 -3.78
C LEU A 20 -8.33 21.00 -3.99
N SER A 21 -8.73 20.87 -5.25
CA SER A 21 -9.83 19.97 -5.61
C SER A 21 -9.44 19.08 -6.79
N CYS A 22 -9.91 17.83 -6.75
CA CYS A 22 -9.66 16.88 -7.83
C CYS A 22 -10.98 16.28 -8.28
N ALA A 23 -11.24 16.35 -9.57
CA ALA A 23 -12.47 15.81 -10.15
C ALA A 23 -12.17 14.57 -10.98
N ALA A 24 -12.82 13.46 -10.65
CA ALA A 24 -12.66 12.19 -11.36
C ALA A 24 -13.74 12.01 -12.42
N SER A 25 -13.34 11.62 -13.63
CA SER A 25 -14.28 11.32 -14.72
C SER A 25 -13.91 10.01 -15.41
N GLY A 26 -14.85 9.47 -16.19
CA GLY A 26 -14.68 8.17 -16.84
C GLY A 26 -15.24 7.04 -16.00
N ARG A 27 -14.49 5.94 -15.88
CA ARG A 27 -14.95 4.75 -15.15
C ARG A 27 -14.75 4.93 -13.63
N THR A 28 -15.48 5.87 -13.06
CA THR A 28 -15.36 6.20 -11.63
C THR A 28 -15.81 5.05 -10.71
N SER A 29 -16.63 4.14 -11.23
CA SER A 29 -17.09 2.97 -10.46
C SER A 29 -15.92 2.04 -10.06
N SER A 30 -14.78 2.17 -10.75
CA SER A 30 -13.62 1.33 -10.48
C SER A 30 -12.71 1.90 -9.39
N LEU A 31 -13.01 3.10 -8.92
CA LEU A 31 -12.12 3.83 -8.00
C LEU A 31 -12.52 3.69 -6.56
N TYR A 32 -11.53 3.49 -5.69
CA TYR A 32 -11.79 3.31 -4.27
C TYR A 32 -11.04 4.34 -3.45
N SER A 33 -9.84 3.98 -2.96
CA SER A 33 -9.05 4.93 -2.19
C SER A 33 -8.58 6.10 -3.09
N MET A 34 -8.64 7.32 -2.55
CA MET A 34 -8.18 8.52 -3.27
C MET A 34 -7.13 9.22 -2.43
N GLY A 35 -6.17 9.86 -3.08
CA GLY A 35 -5.06 10.46 -2.36
C GLY A 35 -4.46 11.70 -3.01
N TRP A 36 -3.79 12.50 -2.17
CA TRP A 36 -2.99 13.65 -2.60
C TRP A 36 -1.55 13.38 -2.36
N PHE A 37 -0.74 13.79 -3.34
CA PHE A 37 0.70 13.57 -3.34
C PHE A 37 1.39 14.85 -3.77
N ARG A 38 2.69 14.94 -3.50
CA ARG A 38 3.44 16.12 -3.92
C ARG A 38 4.87 15.79 -4.35
N GLN A 39 5.43 16.62 -5.23
CA GLN A 39 6.77 16.38 -5.73
C GLN A 39 7.48 17.71 -6.03
N ALA A 40 8.63 17.93 -5.38
CA ALA A 40 9.51 19.06 -5.69
C ALA A 40 10.54 18.63 -6.75
N PRO A 41 11.09 19.60 -7.51
CA PRO A 41 12.12 19.31 -8.51
C PRO A 41 13.28 18.47 -7.98
N GLY A 42 13.60 17.38 -8.68
CA GLY A 42 14.72 16.51 -8.33
C GLY A 42 14.51 15.65 -7.10
N LYS A 43 13.27 15.60 -6.62
CA LYS A 43 12.94 14.82 -5.44
C LYS A 43 11.88 13.76 -5.76
N GLU A 44 11.81 12.73 -4.93
CA GLU A 44 10.83 11.68 -5.14
C GLU A 44 9.44 12.17 -4.76
N ARG A 45 8.44 11.62 -5.44
CA ARG A 45 7.05 11.97 -5.15
C ARG A 45 6.65 11.40 -3.79
N GLU A 46 6.06 12.23 -2.94
CA GLU A 46 5.70 11.81 -1.58
C GLU A 46 4.22 11.86 -1.27
N PHE A 47 3.82 10.93 -0.41
CA PHE A 47 2.48 10.83 0.10
C PHE A 47 2.16 12.07 0.94
N VAL A 48 0.98 12.65 0.73
CA VAL A 48 0.52 13.77 1.56
C VAL A 48 -0.66 13.34 2.42
N ALA A 49 -1.74 12.91 1.77
CA ALA A 49 -2.98 12.56 2.46
C ALA A 49 -3.80 11.61 1.60
N ALA A 50 -4.53 10.69 2.23
CA ALA A 50 -5.41 9.79 1.48
C ALA A 50 -6.69 9.49 2.26
N ILE A 51 -7.71 9.05 1.53
CA ILE A 51 -9.04 8.84 2.10
C ILE A 51 -9.69 7.60 1.50
N SER A 52 -10.30 6.78 2.36
CA SER A 52 -10.97 5.55 1.92
C SER A 52 -12.19 5.88 1.07
N ARG A 53 -12.67 4.89 0.32
CA ARG A 53 -13.87 5.03 -0.52
C ARG A 53 -15.03 5.66 0.25
N ASN A 54 -15.30 5.16 1.45
CA ASN A 54 -16.43 5.59 2.26
C ASN A 54 -16.13 6.82 3.12
N GLY A 55 -14.88 7.29 3.07
CA GLY A 55 -14.47 8.50 3.80
C GLY A 55 -14.25 8.33 5.29
N ALA A 56 -14.47 7.12 5.81
CA ALA A 56 -14.33 6.84 7.24
C ALA A 56 -12.88 6.85 7.72
N ASN A 57 -11.96 6.49 6.84
CA ASN A 57 -10.55 6.41 7.22
C ASN A 57 -9.67 7.31 6.40
N THR A 58 -8.90 8.13 7.10
CA THR A 58 -7.92 9.00 6.45
C THR A 58 -6.52 8.73 6.99
N TYR A 59 -5.51 9.17 6.24
CA TYR A 59 -4.13 9.03 6.66
C TYR A 59 -3.37 10.23 6.14
N TYR A 60 -2.48 10.77 6.98
CA TYR A 60 -1.69 11.97 6.66
C TYR A 60 -0.23 11.70 6.91
N THR A 61 0.64 12.26 6.06
CA THR A 61 2.07 12.30 6.36
C THR A 61 2.29 13.18 7.60
N ASP A 62 3.30 12.86 8.41
CA ASP A 62 3.50 13.53 9.71
C ASP A 62 3.56 15.05 9.60
N SER A 63 4.27 15.56 8.58
CA SER A 63 4.54 17.00 8.46
C SER A 63 3.33 17.88 8.15
N VAL A 64 2.20 17.27 7.79
CA VAL A 64 0.97 18.02 7.48
C VAL A 64 -0.15 17.84 8.51
N LYS A 65 0.05 16.95 9.49
CA LYS A 65 -0.97 16.69 10.51
C LYS A 65 -1.39 17.92 11.28
N GLY A 66 -2.70 18.12 11.41
CA GLY A 66 -3.24 19.30 12.05
C GLY A 66 -3.31 20.53 11.16
N ARG A 67 -2.70 20.46 9.98
CA ARG A 67 -2.70 21.58 9.03
C ARG A 67 -3.55 21.31 7.78
N PHE A 68 -3.47 20.09 7.27
CA PHE A 68 -4.19 19.69 6.05
C PHE A 68 -5.36 18.76 6.39
N THR A 69 -6.45 18.88 5.65
CA THR A 69 -7.60 17.99 5.80
C THR A 69 -8.06 17.50 4.45
N ILE A 70 -8.13 16.18 4.30
CA ILE A 70 -8.66 15.55 3.09
C ILE A 70 -10.14 15.18 3.28
N SER A 71 -10.93 15.36 2.23
CA SER A 71 -12.35 14.98 2.22
C SER A 71 -12.76 14.58 0.82
N ARG A 72 -13.91 13.93 0.69
CA ARG A 72 -14.40 13.49 -0.62
C ARG A 72 -15.91 13.66 -0.75
N ASP A 73 -16.36 13.82 -1.99
CA ASP A 73 -17.78 13.90 -2.32
C ASP A 73 -18.07 12.87 -3.40
N ASN A 74 -18.56 11.71 -2.99
CA ASN A 74 -18.84 10.61 -3.92
C ASN A 74 -20.01 10.85 -4.87
N ALA A 75 -20.86 11.82 -4.53
CA ALA A 75 -21.95 12.23 -5.41
C ALA A 75 -21.46 13.11 -6.55
N LYS A 76 -20.35 13.83 -6.31
CA LYS A 76 -19.73 14.67 -7.34
C LYS A 76 -18.46 14.06 -7.92
N ASN A 77 -18.04 12.92 -7.37
CA ASN A 77 -16.77 12.27 -7.70
C ASN A 77 -15.56 13.21 -7.55
N THR A 78 -15.52 13.94 -6.44
CA THR A 78 -14.40 14.83 -6.14
C THR A 78 -13.69 14.42 -4.85
N VAL A 79 -12.42 14.83 -4.75
CA VAL A 79 -11.65 14.71 -3.52
C VAL A 79 -10.98 16.06 -3.31
N GLU A 80 -10.91 16.51 -2.06
CA GLU A 80 -10.43 17.85 -1.76
C GLU A 80 -9.37 17.84 -0.68
N LEU A 81 -8.49 18.84 -0.72
CA LEU A 81 -7.44 18.99 0.28
C LEU A 81 -7.39 20.44 0.77
N GLN A 82 -7.88 20.64 1.99
CA GLN A 82 -7.81 21.93 2.66
C GLN A 82 -6.43 22.07 3.31
N MET A 83 -5.68 23.08 2.88
CA MET A 83 -4.32 23.28 3.34
C MET A 83 -4.23 24.57 4.14
N ASN A 84 -4.14 24.44 5.46
CA ASN A 84 -3.99 25.60 6.36
C ASN A 84 -2.56 25.73 6.89
N SER A 85 -2.22 26.89 7.44
CA SER A 85 -0.91 27.16 8.05
C SER A 85 0.26 26.73 7.15
N LEU A 86 0.21 27.15 5.89
CA LEU A 86 1.21 26.74 4.90
C LEU A 86 2.63 27.23 5.20
N LYS A 87 3.60 26.37 4.94
CA LYS A 87 5.01 26.69 5.14
C LYS A 87 5.74 26.66 3.79
N PRO A 88 6.90 27.35 3.68
CA PRO A 88 7.69 27.26 2.44
C PRO A 88 8.01 25.80 2.05
N GLU A 89 8.14 24.94 3.06
CA GLU A 89 8.44 23.52 2.85
C GLU A 89 7.32 22.75 2.12
N ASP A 90 6.14 23.36 2.02
CA ASP A 90 5.01 22.76 1.32
C ASP A 90 5.00 23.04 -0.18
N THR A 91 5.94 23.87 -0.64
CA THR A 91 6.08 24.18 -2.08
C THR A 91 6.40 22.93 -2.87
N ALA A 92 5.52 22.60 -3.82
CA ALA A 92 5.66 21.44 -4.69
C ALA A 92 4.52 21.42 -5.69
N VAL A 93 4.64 20.57 -6.70
CA VAL A 93 3.50 20.24 -7.54
C VAL A 93 2.68 19.17 -6.79
N TYR A 94 1.39 19.41 -6.66
CA TYR A 94 0.49 18.48 -5.97
C TYR A 94 -0.34 17.67 -6.97
N TYR A 95 -0.42 16.36 -6.75
CA TYR A 95 -1.14 15.45 -7.64
C TYR A 95 -2.20 14.69 -6.87
N CYS A 96 -3.38 14.58 -7.46
CA CYS A 96 -4.37 13.65 -6.95
C CYS A 96 -4.20 12.30 -7.63
N ALA A 97 -4.58 11.23 -6.94
CA ALA A 97 -4.40 9.87 -7.42
C ALA A 97 -5.55 8.98 -6.97
N ALA A 98 -5.83 7.94 -7.76
CA ALA A 98 -6.91 7.00 -7.44
C ALA A 98 -6.42 5.56 -7.49
N ASP A 99 -6.95 4.74 -6.58
CA ASP A 99 -6.58 3.33 -6.45
C ASP A 99 -7.78 2.46 -6.82
N ARG A 100 -7.49 1.39 -7.56
CA ARG A 100 -8.53 0.45 -8.02
C ARG A 100 -8.78 -0.69 -7.02
N PHE A 101 -7.91 -0.84 -6.02
CA PHE A 101 -8.05 -1.93 -5.05
C PHE A 101 -9.43 -1.91 -4.38
N PRO A 102 -10.21 -3.00 -4.52
CA PRO A 102 -11.63 -3.00 -4.11
C PRO A 102 -11.83 -3.16 -2.59
N THR A 103 -11.86 -2.03 -1.89
CA THR A 103 -12.09 -2.05 -0.45
C THR A 103 -12.84 -0.76 -0.07
N MET A 104 -13.87 -0.92 0.75
CA MET A 104 -14.76 0.17 1.15
C MET A 104 -14.10 1.12 2.16
N GLU A 105 -13.43 0.55 3.16
CA GLU A 105 -13.04 1.31 4.36
C GLU A 105 -11.55 1.48 4.57
N VAL A 106 -10.74 0.70 3.86
CA VAL A 106 -9.28 0.73 4.05
C VAL A 106 -8.64 1.71 3.09
N VAL A 107 -7.82 2.62 3.63
CA VAL A 107 -7.14 3.64 2.83
C VAL A 107 -5.74 3.18 2.39
N THR A 108 -5.44 3.37 1.11
CA THR A 108 -4.13 3.00 0.57
C THR A 108 -3.09 4.06 0.92
N ILE A 109 -1.98 3.61 1.50
CA ILE A 109 -0.94 4.52 1.98
C ILE A 109 0.42 4.31 1.30
N MET A 110 0.44 3.49 0.24
CA MET A 110 1.64 3.22 -0.56
C MET A 110 1.52 3.92 -1.92
N THR A 111 2.43 4.85 -2.17
CA THR A 111 2.43 5.69 -3.39
C THR A 111 2.28 4.89 -4.68
N ASN A 112 3.13 3.88 -4.87
CA ASN A 112 3.17 3.12 -6.11
C ASN A 112 1.94 2.25 -6.35
N GLU A 113 1.11 2.05 -5.33
CA GLU A 113 -0.12 1.27 -5.50
C GLU A 113 -1.27 2.07 -6.11
N TYR A 114 -1.14 3.39 -6.19
CA TYR A 114 -2.16 4.20 -6.87
C TYR A 114 -2.05 4.00 -8.38
N ASP A 115 -3.19 4.00 -9.06
CA ASP A 115 -3.22 3.56 -10.46
C ASP A 115 -3.45 4.68 -11.46
N TYR A 116 -4.17 5.73 -11.05
CA TYR A 116 -4.42 6.87 -11.92
C TYR A 116 -3.90 8.14 -11.29
N TRP A 117 -3.39 9.05 -12.12
CA TRP A 117 -2.78 10.29 -11.65
C TRP A 117 -3.28 11.48 -12.41
N GLY A 118 -3.46 12.61 -11.72
CA GLY A 118 -3.75 13.87 -12.40
C GLY A 118 -2.47 14.47 -12.95
N GLN A 119 -2.60 15.56 -13.68
CA GLN A 119 -1.45 16.19 -14.31
C GLN A 119 -0.70 17.07 -13.31
N GLY A 120 -1.34 17.34 -12.17
CA GLY A 120 -0.70 18.07 -11.09
C GLY A 120 -0.93 19.57 -11.11
N THR A 121 -0.83 20.19 -9.94
CA THR A 121 -0.98 21.63 -9.81
C THR A 121 0.09 22.20 -8.87
N GLN A 122 0.73 23.29 -9.30
CA GLN A 122 1.81 23.89 -8.52
C GLN A 122 1.26 24.66 -7.32
N VAL A 123 1.88 24.42 -6.17
CA VAL A 123 1.60 25.20 -4.96
C VAL A 123 2.94 25.81 -4.57
N THR A 124 2.93 27.13 -4.38
CA THR A 124 4.13 27.85 -3.98
C THR A 124 3.82 28.67 -2.73
N VAL A 125 4.68 28.53 -1.72
CA VAL A 125 4.53 29.27 -0.46
C VAL A 125 5.76 30.15 -0.22
N SER A 126 5.57 31.46 -0.26
CA SER A 126 6.68 32.39 -0.03
C SER A 126 6.90 32.64 1.46
N SER A 127 8.14 32.99 1.82
CA SER A 127 8.49 33.32 3.21
C SER A 127 7.97 34.71 3.58
N GLN B 1 -4.90 -10.16 -31.50
CA GLN B 1 -3.90 -9.27 -30.85
C GLN B 1 -3.13 -10.04 -29.76
N VAL B 2 -2.48 -9.31 -28.86
CA VAL B 2 -1.59 -9.86 -27.83
C VAL B 2 -1.87 -9.21 -26.46
N GLN B 3 -1.88 -10.02 -25.41
CA GLN B 3 -1.95 -9.51 -24.04
C GLN B 3 -0.70 -9.91 -23.24
N LEU B 4 -0.17 -8.97 -22.46
CA LEU B 4 0.98 -9.25 -21.59
C LEU B 4 0.56 -9.02 -20.14
N GLN B 5 0.88 -9.96 -19.27
CA GLN B 5 0.46 -9.83 -17.89
C GLN B 5 1.62 -10.09 -16.93
N GLU B 6 1.99 -9.07 -16.15
CA GLU B 6 3.12 -9.16 -15.23
C GLU B 6 2.72 -9.79 -13.90
N SER B 7 3.67 -10.39 -13.22
CA SER B 7 3.48 -10.85 -11.84
C SER B 7 4.79 -10.75 -11.04
N GLY B 8 4.70 -10.90 -9.73
CA GLY B 8 5.89 -11.00 -8.87
C GLY B 8 6.32 -9.73 -8.17
N GLY B 9 5.58 -8.64 -8.34
CA GLY B 9 5.94 -7.39 -7.66
C GLY B 9 5.41 -7.26 -6.24
N GLY B 10 5.85 -6.22 -5.54
CA GLY B 10 5.36 -5.88 -4.22
C GLY B 10 6.36 -5.10 -3.40
N LEU B 11 6.21 -5.16 -2.08
CA LEU B 11 7.09 -4.48 -1.15
C LEU B 11 8.27 -5.37 -0.75
N VAL B 12 9.47 -4.80 -0.71
CA VAL B 12 10.70 -5.51 -0.36
C VAL B 12 11.64 -4.56 0.39
N GLN B 13 12.40 -5.08 1.35
CA GLN B 13 13.39 -4.25 2.03
C GLN B 13 14.65 -4.11 1.18
N ALA B 14 15.38 -3.01 1.39
CA ALA B 14 16.64 -2.75 0.71
C ALA B 14 17.59 -3.93 0.91
N GLY B 15 18.20 -4.39 -0.17
CA GLY B 15 19.09 -5.56 -0.13
C GLY B 15 18.36 -6.85 -0.46
N GLY B 16 17.04 -6.79 -0.56
CA GLY B 16 16.23 -7.98 -0.85
C GLY B 16 16.21 -8.36 -2.32
N SER B 17 15.47 -9.42 -2.62
CA SER B 17 15.32 -9.91 -3.99
C SER B 17 13.87 -10.12 -4.34
N LEU B 18 13.56 -9.93 -5.62
CA LEU B 18 12.24 -10.23 -6.19
C LEU B 18 12.41 -10.82 -7.58
N ARG B 19 11.51 -11.71 -7.96
CA ARG B 19 11.48 -12.22 -9.33
C ARG B 19 10.18 -11.84 -10.02
N LEU B 20 10.30 -11.09 -11.11
CA LEU B 20 9.13 -10.70 -11.91
C LEU B 20 8.99 -11.66 -13.06
N SER B 21 7.75 -11.89 -13.49
CA SER B 21 7.46 -12.74 -14.63
C SER B 21 6.42 -12.05 -15.49
N CYS B 22 6.45 -12.31 -16.79
CA CYS B 22 5.48 -11.76 -17.72
C CYS B 22 4.98 -12.88 -18.62
N ALA B 23 3.66 -13.09 -18.65
CA ALA B 23 3.05 -14.09 -19.52
C ALA B 23 2.39 -13.45 -20.72
N ALA B 24 2.75 -13.92 -21.91
CA ALA B 24 2.15 -13.46 -23.16
C ALA B 24 1.04 -14.41 -23.62
N SER B 25 -0.05 -13.84 -24.11
CA SER B 25 -1.17 -14.61 -24.66
C SER B 25 -1.71 -13.90 -25.90
N GLY B 26 -2.51 -14.62 -26.69
CA GLY B 26 -3.01 -14.11 -27.97
C GLY B 26 -2.10 -14.57 -29.10
N ARG B 27 -1.66 -13.63 -29.93
CA ARG B 27 -0.79 -13.95 -31.07
C ARG B 27 0.65 -14.06 -30.64
N THR B 28 0.96 -15.05 -29.83
CA THR B 28 2.31 -15.21 -29.29
C THR B 28 3.36 -15.47 -30.39
N SER B 29 2.92 -16.09 -31.49
CA SER B 29 3.83 -16.38 -32.61
C SER B 29 4.31 -15.12 -33.35
N SER B 30 3.72 -13.97 -33.06
CA SER B 30 4.14 -12.71 -33.66
C SER B 30 5.25 -12.02 -32.86
N LEU B 31 5.58 -12.57 -31.70
CA LEU B 31 6.49 -11.91 -30.75
C LEU B 31 7.90 -12.49 -30.79
N TYR B 32 8.87 -11.58 -30.72
CA TYR B 32 10.27 -11.93 -30.79
C TYR B 32 11.00 -11.36 -29.58
N SER B 33 11.64 -10.20 -29.73
CA SER B 33 12.35 -9.58 -28.62
C SER B 33 11.38 -9.21 -27.50
N MET B 34 11.83 -9.40 -26.24
CA MET B 34 11.03 -9.07 -25.07
C MET B 34 11.87 -8.21 -24.14
N GLY B 35 11.21 -7.33 -23.40
CA GLY B 35 11.93 -6.43 -22.52
C GLY B 35 11.18 -6.06 -21.26
N TRP B 36 11.94 -5.54 -20.30
CA TRP B 36 11.43 -4.99 -19.07
C TRP B 36 11.74 -3.51 -19.00
N PHE B 37 10.75 -2.75 -18.54
CA PHE B 37 10.84 -1.30 -18.43
C PHE B 37 10.28 -0.89 -17.08
N ARG B 38 10.64 0.30 -16.60
CA ARG B 38 10.09 0.80 -15.35
C ARG B 38 9.80 2.30 -15.40
N GLN B 39 8.85 2.73 -14.59
CA GLN B 39 8.53 4.13 -14.45
C GLN B 39 8.19 4.43 -13.00
N ALA B 40 8.95 5.34 -12.40
CA ALA B 40 8.64 5.89 -11.09
C ALA B 40 7.84 7.17 -11.27
N PRO B 41 6.92 7.47 -10.33
CA PRO B 41 6.10 8.69 -10.34
C PRO B 41 6.89 9.95 -10.64
N GLY B 42 6.44 10.72 -11.63
CA GLY B 42 7.08 11.99 -12.00
C GLY B 42 8.28 11.87 -12.91
N LYS B 43 8.70 10.64 -13.19
CA LYS B 43 9.85 10.39 -14.04
C LYS B 43 9.41 9.68 -15.32
N GLU B 44 10.24 9.81 -16.36
CA GLU B 44 9.97 9.15 -17.62
C GLU B 44 10.21 7.64 -17.48
N ARG B 45 9.46 6.87 -18.28
CA ARG B 45 9.63 5.43 -18.33
C ARG B 45 11.01 5.11 -18.91
N GLU B 46 11.73 4.18 -18.28
CA GLU B 46 13.07 3.83 -18.72
C GLU B 46 13.25 2.35 -19.05
N PHE B 47 14.09 2.10 -20.03
CA PHE B 47 14.56 0.76 -20.36
C PHE B 47 15.27 0.12 -19.17
N VAL B 48 14.95 -1.14 -18.87
CA VAL B 48 15.67 -1.88 -17.82
C VAL B 48 16.51 -3.01 -18.41
N ALA B 49 15.87 -3.92 -19.12
CA ALA B 49 16.56 -5.08 -19.71
C ALA B 49 15.77 -5.63 -20.88
N ALA B 50 16.46 -6.18 -21.86
CA ALA B 50 15.79 -6.85 -22.97
C ALA B 50 16.52 -8.11 -23.38
N ILE B 51 15.78 -9.01 -24.00
CA ILE B 51 16.30 -10.31 -24.40
C ILE B 51 15.78 -10.71 -25.78
N SER B 52 16.68 -11.19 -26.63
CA SER B 52 16.29 -11.68 -27.96
C SER B 52 15.42 -12.94 -27.88
N ARG B 53 14.69 -13.22 -28.96
CA ARG B 53 13.83 -14.40 -29.04
C ARG B 53 14.54 -15.68 -28.60
N ASN B 54 15.75 -15.93 -29.11
CA ASN B 54 16.51 -17.16 -28.79
C ASN B 54 17.28 -17.09 -27.45
N GLY B 55 17.21 -15.94 -26.79
CA GLY B 55 17.83 -15.76 -25.48
C GLY B 55 19.34 -15.57 -25.47
N ALA B 56 19.95 -15.50 -26.66
CA ALA B 56 21.42 -15.40 -26.80
C ALA B 56 21.96 -13.99 -26.63
N ASN B 57 21.12 -12.99 -26.93
CA ASN B 57 21.53 -11.59 -26.80
C ASN B 57 20.69 -10.88 -25.76
N THR B 58 21.35 -10.35 -24.74
CA THR B 58 20.69 -9.54 -23.71
C THR B 58 21.29 -8.13 -23.69
N TYR B 59 20.54 -7.19 -23.13
CA TYR B 59 21.00 -5.81 -22.99
C TYR B 59 20.39 -5.25 -21.71
N TYR B 60 21.21 -4.53 -20.94
CA TYR B 60 20.80 -3.99 -19.64
C TYR B 60 21.15 -2.53 -19.51
N THR B 61 20.29 -1.76 -18.85
CA THR B 61 20.67 -0.39 -18.47
C THR B 61 21.79 -0.46 -17.42
N ASP B 62 22.66 0.53 -17.40
CA ASP B 62 23.86 0.51 -16.56
C ASP B 62 23.60 0.31 -15.07
N SER B 63 22.57 0.97 -14.55
CA SER B 63 22.26 0.99 -13.12
C SER B 63 21.84 -0.36 -12.53
N VAL B 64 21.50 -1.33 -13.38
CA VAL B 64 21.01 -2.63 -12.91
C VAL B 64 22.02 -3.77 -13.15
N LYS B 65 23.14 -3.47 -13.78
CA LYS B 65 24.13 -4.50 -14.14
C LYS B 65 24.71 -5.22 -12.92
N GLY B 66 24.83 -6.54 -13.02
CA GLY B 66 25.28 -7.38 -11.91
C GLY B 66 24.24 -7.62 -10.82
N ARG B 67 23.06 -7.03 -10.97
CA ARG B 67 21.99 -7.15 -9.98
C ARG B 67 20.74 -7.79 -10.58
N PHE B 68 20.43 -7.39 -11.81
CA PHE B 68 19.23 -7.88 -12.51
C PHE B 68 19.65 -8.86 -13.60
N THR B 69 18.87 -9.93 -13.76
CA THR B 69 19.08 -10.87 -14.86
C THR B 69 17.77 -11.11 -15.57
N ILE B 70 17.77 -10.92 -16.89
CA ILE B 70 16.62 -11.22 -17.73
C ILE B 70 16.75 -12.62 -18.35
N SER B 71 15.65 -13.36 -18.39
CA SER B 71 15.61 -14.67 -19.03
C SER B 71 14.24 -14.90 -19.62
N ARG B 72 14.08 -15.95 -20.41
CA ARG B 72 12.78 -16.26 -20.98
C ARG B 72 12.53 -17.77 -21.03
N ASP B 73 11.26 -18.15 -21.04
CA ASP B 73 10.86 -19.54 -21.27
C ASP B 73 9.90 -19.55 -22.47
N ASN B 74 10.44 -19.97 -23.61
CA ASN B 74 9.68 -19.94 -24.86
C ASN B 74 8.59 -21.02 -24.95
N ALA B 75 8.74 -22.09 -24.18
CA ALA B 75 7.69 -23.11 -24.09
C ALA B 75 6.45 -22.57 -23.36
N LYS B 76 6.67 -21.70 -22.37
CA LYS B 76 5.58 -21.12 -21.57
C LYS B 76 5.18 -19.71 -22.04
N ASN B 77 5.91 -19.17 -23.02
CA ASN B 77 5.70 -17.80 -23.51
C ASN B 77 5.85 -16.75 -22.42
N THR B 78 6.89 -16.91 -21.60
CA THR B 78 7.16 -16.00 -20.48
C THR B 78 8.54 -15.35 -20.61
N VAL B 79 8.66 -14.15 -20.03
CA VAL B 79 9.94 -13.47 -19.87
C VAL B 79 10.04 -13.09 -18.39
N GLU B 80 11.23 -13.24 -17.82
CA GLU B 80 11.42 -13.11 -16.39
C GLU B 80 12.52 -12.12 -16.05
N LEU B 81 12.40 -11.43 -14.92
CA LEU B 81 13.45 -10.52 -14.44
C LEU B 81 13.80 -10.81 -12.98
N GLN B 82 14.96 -11.42 -12.76
CA GLN B 82 15.45 -11.68 -11.41
C GLN B 82 16.13 -10.43 -10.90
N MET B 83 15.62 -9.89 -9.80
CA MET B 83 16.11 -8.62 -9.27
C MET B 83 16.71 -8.85 -7.88
N ASN B 84 18.04 -8.83 -7.82
CA ASN B 84 18.76 -8.96 -6.55
C ASN B 84 19.34 -7.63 -6.11
N SER B 85 19.69 -7.56 -4.82
CA SER B 85 20.33 -6.39 -4.19
C SER B 85 19.58 -5.10 -4.47
N LEU B 86 18.27 -5.14 -4.24
CA LEU B 86 17.40 -4.03 -4.58
C LEU B 86 17.68 -2.79 -3.73
N LYS B 87 17.40 -1.63 -4.31
CA LYS B 87 17.72 -0.35 -3.70
C LYS B 87 16.50 0.56 -3.82
N PRO B 88 16.37 1.57 -2.94
CA PRO B 88 15.27 2.53 -3.05
C PRO B 88 15.12 3.11 -4.45
N GLU B 89 16.24 3.32 -5.15
CA GLU B 89 16.25 3.85 -6.52
C GLU B 89 15.54 2.92 -7.53
N ASP B 90 15.31 1.68 -7.14
CA ASP B 90 14.64 0.69 -8.01
C ASP B 90 13.10 0.72 -7.86
N THR B 91 12.60 1.55 -6.93
CA THR B 91 11.16 1.70 -6.71
C THR B 91 10.52 2.30 -7.95
N ALA B 92 9.51 1.61 -8.47
CA ALA B 92 8.87 1.96 -9.74
C ALA B 92 7.80 0.94 -10.07
N VAL B 93 6.98 1.27 -11.06
CA VAL B 93 6.11 0.28 -11.67
C VAL B 93 6.90 -0.33 -12.83
N TYR B 94 6.94 -1.66 -12.86
CA TYR B 94 7.69 -2.39 -13.87
C TYR B 94 6.75 -2.94 -14.95
N TYR B 95 7.12 -2.73 -16.21
CA TYR B 95 6.31 -3.13 -17.33
C TYR B 95 7.09 -4.07 -18.22
N CYS B 96 6.44 -5.13 -18.67
CA CYS B 96 7.04 -5.96 -19.70
C CYS B 96 6.52 -5.50 -21.06
N ALA B 97 7.33 -5.71 -22.09
CA ALA B 97 6.96 -5.31 -23.44
C ALA B 97 7.43 -6.33 -24.47
N ALA B 98 6.77 -6.33 -25.63
CA ALA B 98 7.09 -7.27 -26.69
C ALA B 98 7.21 -6.58 -28.05
N ASP B 99 8.17 -7.05 -28.84
CA ASP B 99 8.44 -6.51 -30.17
C ASP B 99 8.04 -7.53 -31.23
N ARG B 100 7.44 -7.03 -32.31
CA ARG B 100 7.02 -7.89 -33.43
C ARG B 100 8.10 -8.03 -34.51
N PHE B 101 9.19 -7.25 -34.41
CA PHE B 101 10.22 -7.33 -35.44
C PHE B 101 10.75 -8.76 -35.52
N PRO B 102 10.63 -9.40 -36.70
CA PRO B 102 10.89 -10.83 -36.87
C PRO B 102 12.38 -11.17 -36.96
N THR B 103 13.03 -11.25 -35.80
CA THR B 103 14.45 -11.63 -35.74
C THR B 103 14.65 -12.59 -34.57
N MET B 104 15.37 -13.67 -34.84
CA MET B 104 15.64 -14.73 -33.87
C MET B 104 16.71 -14.32 -32.83
N GLU B 105 17.77 -13.67 -33.28
CA GLU B 105 18.92 -13.44 -32.40
C GLU B 105 19.22 -11.99 -31.97
N VAL B 106 18.66 -11.00 -32.66
CA VAL B 106 18.95 -9.60 -32.35
C VAL B 106 18.01 -9.07 -31.29
N VAL B 107 18.57 -8.50 -30.22
CA VAL B 107 17.75 -7.90 -29.15
C VAL B 107 17.40 -6.43 -29.45
N THR B 108 16.13 -6.07 -29.27
CA THR B 108 15.67 -4.70 -29.50
C THR B 108 15.95 -3.82 -28.29
N ILE B 109 16.66 -2.72 -28.51
CA ILE B 109 17.10 -1.88 -27.40
C ILE B 109 16.47 -0.49 -27.39
N MET B 110 15.54 -0.23 -28.31
CA MET B 110 14.82 1.06 -28.35
C MET B 110 13.39 0.90 -27.87
N THR B 111 13.05 1.67 -26.83
CA THR B 111 11.73 1.63 -26.19
C THR B 111 10.57 1.78 -27.16
N ASN B 112 10.65 2.79 -28.03
CA ASN B 112 9.56 3.08 -28.97
C ASN B 112 9.36 2.01 -30.06
N GLU B 113 10.26 1.02 -30.12
CA GLU B 113 10.14 -0.08 -31.09
C GLU B 113 9.34 -1.27 -30.53
N TYR B 114 9.10 -1.28 -29.21
CA TYR B 114 8.27 -2.31 -28.61
C TYR B 114 6.79 -2.03 -28.90
N ASP B 115 6.05 -3.07 -29.24
CA ASP B 115 4.70 -2.90 -29.78
C ASP B 115 3.59 -3.19 -28.78
N TYR B 116 3.82 -4.13 -27.86
CA TYR B 116 2.81 -4.49 -26.87
C TYR B 116 3.33 -4.22 -25.47
N TRP B 117 2.45 -3.78 -24.58
CA TRP B 117 2.83 -3.41 -23.22
C TRP B 117 1.91 -4.02 -22.20
N GLY B 118 2.47 -4.52 -21.10
CA GLY B 118 1.64 -5.00 -19.99
C GLY B 118 1.09 -3.83 -19.19
N GLN B 119 0.20 -4.10 -18.24
CA GLN B 119 -0.37 -3.04 -17.40
C GLN B 119 0.50 -2.70 -16.18
N GLY B 120 1.58 -3.45 -16.00
CA GLY B 120 2.57 -3.13 -14.97
C GLY B 120 2.38 -3.81 -13.62
N THR B 121 3.50 -4.05 -12.94
CA THR B 121 3.51 -4.52 -11.57
C THR B 121 4.42 -3.62 -10.72
N GLN B 122 3.89 -3.13 -9.60
CA GLN B 122 4.63 -2.16 -8.79
C GLN B 122 5.66 -2.83 -7.90
N VAL B 123 6.80 -2.18 -7.76
CA VAL B 123 7.84 -2.61 -6.85
C VAL B 123 8.22 -1.41 -5.97
N THR B 124 8.10 -1.61 -4.66
CA THR B 124 8.51 -0.62 -3.68
C THR B 124 9.62 -1.19 -2.80
N VAL B 125 10.76 -0.50 -2.77
CA VAL B 125 11.91 -0.92 -1.98
C VAL B 125 12.05 0.03 -0.80
N SER B 126 11.90 -0.49 0.42
CA SER B 126 11.98 0.33 1.63
C SER B 126 13.40 0.38 2.19
N SER B 127 13.75 1.49 2.82
CA SER B 127 15.09 1.67 3.38
C SER B 127 15.19 1.10 4.79
N SER C 4 12.19 -6.25 22.79
CA SER C 4 11.50 -5.37 23.79
C SER C 4 10.57 -6.17 24.70
N ASN C 5 11.10 -7.25 25.27
CA ASN C 5 10.34 -8.08 26.21
C ASN C 5 10.22 -7.37 27.56
N ALA C 6 9.00 -7.24 28.06
CA ALA C 6 8.73 -6.51 29.30
C ALA C 6 8.13 -7.41 30.37
N LEU C 7 8.52 -7.12 31.61
CA LEU C 7 8.05 -7.87 32.76
C LEU C 7 7.74 -6.89 33.88
N MET C 8 6.46 -6.81 34.23
CA MET C 8 6.00 -5.81 35.20
C MET C 8 4.98 -6.37 36.18
N ILE C 9 4.96 -5.77 37.38
CA ILE C 9 4.00 -6.11 38.42
C ILE C 9 3.31 -4.84 38.94
N GLY C 10 2.00 -4.92 39.09
CA GLY C 10 1.22 -3.79 39.58
C GLY C 10 -0.25 -4.09 39.78
N ARG C 11 -1.03 -3.02 39.97
CA ARG C 11 -2.46 -3.11 40.21
C ARG C 11 -3.27 -2.65 39.00
N ILE C 12 -4.33 -3.39 38.67
CA ILE C 12 -5.26 -3.00 37.62
C ILE C 12 -6.12 -1.85 38.14
N ALA C 13 -5.92 -0.67 37.54
CA ALA C 13 -6.58 0.56 38.01
C ALA C 13 -7.74 1.00 37.10
N ASP C 14 -7.89 0.36 35.94
CA ASP C 14 -8.92 0.72 34.95
C ASP C 14 -9.01 -0.36 33.88
N VAL C 15 -10.19 -0.47 33.27
CA VAL C 15 -10.44 -1.46 32.23
C VAL C 15 -11.18 -0.77 31.08
N GLN C 16 -10.75 -1.06 29.86
CA GLN C 16 -11.46 -0.59 28.68
C GLN C 16 -11.86 -1.73 27.75
N HIS C 17 -13.12 -1.75 27.37
CA HIS C 17 -13.58 -2.62 26.28
C HIS C 17 -13.82 -1.75 25.10
N GLY C 18 -12.98 -1.92 24.08
CA GLY C 18 -12.98 -1.00 22.97
C GLY C 18 -12.88 -1.61 21.59
N PHE C 19 -12.61 -0.77 20.62
CA PHE C 19 -12.53 -1.17 19.23
C PHE C 19 -11.30 -0.53 18.63
N LEU C 20 -10.58 -1.33 17.83
CA LEU C 20 -9.33 -0.89 17.23
C LEU C 20 -9.15 -1.68 15.95
N GLY C 21 -8.91 -0.98 14.85
CA GLY C 21 -8.73 -1.61 13.55
C GLY C 21 -9.90 -2.52 13.18
N ALA C 22 -11.12 -2.07 13.50
CA ALA C 22 -12.36 -2.84 13.29
C ALA C 22 -12.39 -4.16 14.06
N MET C 23 -11.65 -4.24 15.16
CA MET C 23 -11.61 -5.44 15.99
C MET C 23 -11.80 -5.09 17.45
N THR C 24 -12.45 -5.97 18.21
CA THR C 24 -12.57 -5.79 19.67
C THR C 24 -11.18 -5.86 20.30
N VAL C 25 -11.02 -5.11 21.38
CA VAL C 25 -9.78 -5.07 22.13
C VAL C 25 -10.13 -4.76 23.58
N THR C 26 -9.35 -5.33 24.49
CA THR C 26 -9.44 -5.05 25.92
C THR C 26 -8.12 -4.42 26.35
N GLN C 27 -8.22 -3.31 27.06
CA GLN C 27 -7.04 -2.65 27.61
C GLN C 27 -7.19 -2.47 29.12
N TYR C 28 -6.06 -2.46 29.83
CA TYR C 28 -6.05 -2.20 31.26
C TYR C 28 -5.07 -1.09 31.58
N VAL C 29 -5.38 -0.28 32.60
CA VAL C 29 -4.35 0.57 33.19
C VAL C 29 -3.65 -0.22 34.29
N LEU C 30 -2.34 -0.41 34.14
CA LEU C 30 -1.53 -1.07 35.17
C LEU C 30 -0.78 -0.03 35.97
N GLU C 31 -1.11 0.08 37.26
CA GLU C 31 -0.45 1.02 38.14
C GLU C 31 0.76 0.34 38.77
N VAL C 32 1.94 0.91 38.55
CA VAL C 32 3.18 0.35 39.09
C VAL C 32 3.79 1.25 40.18
N ASP C 33 4.39 0.64 41.21
CA ASP C 33 4.97 1.38 42.33
C ASP C 33 6.38 1.86 42.01
N GLY C 34 6.49 2.80 41.06
CA GLY C 34 7.76 3.34 40.62
C GLY C 34 8.41 4.28 41.63
N GLU C 39 6.98 8.55 42.51
CA GLU C 39 5.57 8.26 42.74
C GLU C 39 5.08 7.14 41.83
N LYS C 40 3.81 6.79 41.97
CA LYS C 40 3.20 5.78 41.12
C LYS C 40 3.22 6.17 39.66
N GLU C 41 3.48 5.21 38.80
CA GLU C 41 3.37 5.41 37.36
C GLU C 41 2.32 4.44 36.82
N PHE C 42 1.86 4.66 35.60
CA PHE C 42 0.97 3.69 34.97
C PHE C 42 1.41 3.40 33.54
N ILE C 43 1.07 2.22 33.06
CA ILE C 43 1.24 1.86 31.66
C ILE C 43 0.00 1.08 31.23
N VAL C 44 -0.42 1.28 29.97
CA VAL C 44 -1.56 0.56 29.44
C VAL C 44 -1.14 -0.83 28.95
N ILE C 45 -1.95 -1.83 29.29
CA ILE C 45 -1.80 -3.18 28.74
C ILE C 45 -2.86 -3.39 27.65
N ARG C 46 -2.44 -3.92 26.51
CA ARG C 46 -3.37 -4.14 25.40
C ARG C 46 -3.46 -5.60 24.99
N CYS C 47 -4.66 -6.15 25.09
CA CYS C 47 -4.90 -7.54 24.72
CA CYS C 47 -4.90 -7.52 24.72
C CYS C 47 -5.83 -7.55 23.54
N MET C 48 -5.39 -8.10 22.42
CA MET C 48 -6.28 -8.12 21.27
C MET C 48 -7.17 -9.35 21.29
N GLY C 49 -8.48 -9.06 21.23
CA GLY C 49 -9.56 -10.05 21.33
C GLY C 49 -9.43 -11.14 20.28
N ASP C 59 -9.36 -16.88 39.59
CA ASP C 59 -8.33 -15.85 39.55
C ASP C 59 -8.27 -15.16 38.18
N GLN C 60 -9.39 -14.59 37.77
CA GLN C 60 -9.53 -13.83 36.53
C GLN C 60 -9.17 -12.37 36.78
N VAL C 61 -8.93 -11.61 35.70
CA VAL C 61 -8.46 -10.23 35.84
C VAL C 61 -9.57 -9.21 36.02
N LYS C 62 -9.49 -8.47 37.11
CA LYS C 62 -10.55 -7.53 37.48
C LYS C 62 -9.96 -6.21 37.99
N LEU C 63 -10.80 -5.20 38.14
CA LEU C 63 -10.40 -3.92 38.73
C LEU C 63 -9.89 -4.13 40.16
N GLY C 64 -8.64 -3.72 40.41
CA GLY C 64 -8.02 -3.85 41.72
C GLY C 64 -7.12 -5.06 41.89
N SER C 65 -7.11 -5.95 40.89
CA SER C 65 -6.23 -7.12 40.90
C SER C 65 -4.77 -6.73 40.87
N ARG C 66 -3.96 -7.41 41.67
CA ARG C 66 -2.52 -7.32 41.58
C ARG C 66 -2.07 -8.38 40.59
N VAL C 67 -1.39 -7.97 39.52
CA VAL C 67 -1.06 -8.87 38.43
C VAL C 67 0.42 -8.86 38.04
N LEU C 68 0.84 -9.96 37.41
CA LEU C 68 2.12 -10.07 36.74
C LEU C 68 1.86 -10.07 35.24
N VAL C 69 2.60 -9.21 34.53
CA VAL C 69 2.44 -9.05 33.09
C VAL C 69 3.77 -9.31 32.38
N GLN C 70 3.72 -10.18 31.38
CA GLN C 70 4.80 -10.32 30.42
C GLN C 70 4.24 -10.05 29.03
N GLY C 71 4.94 -9.21 28.27
CA GLY C 71 4.53 -8.88 26.91
C GLY C 71 5.55 -8.03 26.19
N THR C 72 5.14 -7.50 25.04
CA THR C 72 6.01 -6.69 24.21
C THR C 72 5.77 -5.22 24.48
N LEU C 73 6.83 -4.55 24.93
CA LEU C 73 6.81 -3.11 25.14
C LEU C 73 6.85 -2.39 23.80
N ARG C 74 5.87 -1.51 23.57
CA ARG C 74 5.78 -0.75 22.34
C ARG C 74 5.77 0.72 22.68
N MET C 75 6.72 1.47 22.13
CA MET C 75 6.76 2.92 22.33
C MET C 75 5.58 3.60 21.61
N ASN C 76 5.24 3.09 20.43
CA ASN C 76 4.02 3.48 19.73
C ASN C 76 3.95 5.00 19.52
N ARG C 77 4.99 5.56 18.88
CA ARG C 77 5.08 7.02 18.69
C ARG C 77 4.22 7.50 17.53
N HIS C 78 3.52 8.63 17.72
CA HIS C 78 2.72 9.30 16.68
C HIS C 78 2.83 10.80 16.81
N VAL C 79 2.69 11.50 15.68
CA VAL C 79 2.53 12.95 15.69
C VAL C 79 1.03 13.25 15.86
N ASP C 80 0.69 14.12 16.80
CA ASP C 80 -0.71 14.50 17.01
C ASP C 80 -1.04 15.84 16.34
N ASP C 81 -2.32 16.06 16.09
CA ASP C 81 -2.81 17.24 15.37
C ASP C 81 -2.58 18.59 16.09
N VAL C 82 -2.58 18.57 17.42
CA VAL C 82 -2.50 19.83 18.19
C VAL C 82 -1.05 20.32 18.41
N SER C 83 -0.22 19.48 19.02
CA SER C 83 1.18 19.87 19.27
C SER C 83 2.03 19.76 18.01
N LYS C 84 1.60 18.92 17.06
CA LYS C 84 2.33 18.69 15.80
C LYS C 84 3.76 18.21 16.05
N ARG C 85 3.95 17.51 17.16
CA ARG C 85 5.23 16.96 17.53
C ARG C 85 5.07 15.46 17.75
N LEU C 86 6.18 14.73 17.67
CA LEU C 86 6.16 13.31 17.92
C LEU C 86 6.04 13.05 19.42
N HIS C 87 5.15 12.14 19.81
CA HIS C 87 5.06 11.68 21.21
C HIS C 87 4.98 10.18 21.32
N ALA C 88 5.46 9.65 22.44
CA ALA C 88 5.28 8.23 22.70
C ALA C 88 3.90 7.99 23.29
N TYR C 89 3.29 6.87 22.92
CA TYR C 89 2.04 6.43 23.53
C TYR C 89 2.18 4.96 23.95
N PRO C 90 3.07 4.69 24.92
CA PRO C 90 3.54 3.33 25.19
C PRO C 90 2.46 2.41 25.75
N PHE C 91 2.55 1.14 25.39
CA PHE C 91 1.72 0.09 25.97
C PHE C 91 2.47 -1.24 25.95
N ILE C 92 1.95 -2.20 26.71
CA ILE C 92 2.42 -3.57 26.66
C ILE C 92 1.43 -4.39 25.83
N GLN C 93 1.93 -4.99 24.76
CA GLN C 93 1.16 -5.86 23.90
C GLN C 93 1.19 -7.29 24.48
N VAL C 94 0.01 -7.83 24.75
CA VAL C 94 -0.14 -9.21 25.22
C VAL C 94 -0.81 -10.04 24.12
N VAL C 95 -0.10 -11.04 23.61
CA VAL C 95 -0.64 -11.95 22.59
C VAL C 95 -0.62 -13.39 23.08
N LEU C 98 2.91 -16.37 24.27
CA LEU C 98 3.95 -16.09 25.25
C LEU C 98 3.60 -14.92 26.17
N GLY C 99 2.76 -14.01 25.68
CA GLY C 99 2.25 -12.90 26.48
C GLY C 99 1.10 -13.32 27.37
N TYR C 100 1.07 -12.80 28.60
CA TYR C 100 0.00 -13.12 29.55
C TYR C 100 -0.18 -12.03 30.61
N VAL C 101 -1.37 -12.03 31.22
CA VAL C 101 -1.64 -11.27 32.43
C VAL C 101 -2.09 -12.27 33.50
N LYS C 102 -1.32 -12.37 34.58
CA LYS C 102 -1.59 -13.36 35.64
C LYS C 102 -1.86 -12.72 37.00
N VAL C 103 -2.99 -13.08 37.61
CA VAL C 103 -3.37 -12.56 38.92
C VAL C 103 -2.46 -13.11 40.02
N VAL C 104 -1.91 -12.21 40.83
CA VAL C 104 -1.00 -12.55 41.93
C VAL C 104 -1.37 -11.81 43.21
N SER D 4 -16.60 -17.78 12.08
CA SER D 4 -16.76 -18.81 11.02
C SER D 4 -15.50 -18.91 10.17
N ASN D 5 -14.87 -20.09 10.20
CA ASN D 5 -13.59 -20.29 9.55
C ASN D 5 -13.69 -20.75 8.09
N ALA D 6 -12.73 -20.32 7.28
CA ALA D 6 -12.67 -20.66 5.86
C ALA D 6 -11.26 -21.01 5.39
N LEU D 7 -11.17 -22.02 4.53
CA LEU D 7 -9.91 -22.45 3.93
C LEU D 7 -10.05 -22.40 2.41
N MET D 8 -9.22 -21.57 1.76
CA MET D 8 -9.39 -21.30 0.33
C MET D 8 -8.07 -21.28 -0.45
N ILE D 9 -8.16 -21.59 -1.73
CA ILE D 9 -7.00 -21.60 -2.63
C ILE D 9 -7.28 -20.73 -3.88
N GLY D 10 -6.25 -20.05 -4.37
CA GLY D 10 -6.38 -19.21 -5.56
C GLY D 10 -5.15 -18.37 -5.87
N ARG D 11 -5.33 -17.35 -6.70
CA ARG D 11 -4.22 -16.50 -7.15
C ARG D 11 -4.38 -15.05 -6.70
N ILE D 12 -3.30 -14.46 -6.21
CA ILE D 12 -3.26 -13.06 -5.80
C ILE D 12 -3.30 -12.16 -7.04
N ALA D 13 -4.33 -11.33 -7.12
CA ALA D 13 -4.56 -10.48 -8.29
C ALA D 13 -4.26 -9.00 -8.04
N ASP D 14 -4.08 -8.65 -6.77
CA ASP D 14 -3.84 -7.26 -6.35
C ASP D 14 -3.38 -7.25 -4.90
N VAL D 15 -2.68 -6.19 -4.52
CA VAL D 15 -2.10 -6.05 -3.19
C VAL D 15 -2.33 -4.62 -2.71
N GLN D 16 -2.73 -4.46 -1.45
CA GLN D 16 -2.88 -3.14 -0.86
C GLN D 16 -2.12 -3.05 0.45
N HIS D 17 -1.33 -1.99 0.59
CA HIS D 17 -0.74 -1.63 1.87
C HIS D 17 -1.53 -0.46 2.40
N GLY D 18 -2.32 -0.74 3.42
CA GLY D 18 -3.37 0.18 3.83
C GLY D 18 -3.43 0.49 5.30
N PHE D 19 -4.48 1.21 5.67
CA PHE D 19 -4.67 1.69 7.03
C PHE D 19 -6.16 1.75 7.33
N LEU D 20 -6.55 1.29 8.51
CA LEU D 20 -7.89 1.52 9.03
C LEU D 20 -7.90 1.46 10.55
N GLY D 21 -8.68 2.36 11.15
CA GLY D 21 -8.87 2.38 12.60
C GLY D 21 -7.59 2.30 13.41
N ALA D 22 -6.64 3.17 13.06
CA ALA D 22 -5.34 3.29 13.72
C ALA D 22 -4.32 2.17 13.44
N MET D 23 -4.69 1.21 12.60
CA MET D 23 -3.82 0.06 12.34
C MET D 23 -3.44 -0.05 10.86
N THR D 24 -2.17 -0.32 10.60
CA THR D 24 -1.74 -0.66 9.24
C THR D 24 -2.19 -2.08 8.93
N VAL D 25 -2.61 -2.30 7.69
CA VAL D 25 -3.05 -3.61 7.25
C VAL D 25 -2.54 -3.86 5.84
N THR D 26 -2.34 -5.13 5.51
CA THR D 26 -2.05 -5.55 4.15
C THR D 26 -3.28 -6.34 3.66
N GLN D 27 -3.78 -5.95 2.50
CA GLN D 27 -4.88 -6.68 1.88
C GLN D 27 -4.47 -7.26 0.52
N TYR D 28 -5.09 -8.37 0.15
CA TYR D 28 -4.86 -8.98 -1.13
C TYR D 28 -6.19 -9.28 -1.79
N VAL D 29 -6.22 -9.20 -3.12
CA VAL D 29 -7.35 -9.72 -3.87
C VAL D 29 -7.01 -11.16 -4.26
N LEU D 30 -7.85 -12.08 -3.80
CA LEU D 30 -7.71 -13.49 -4.14
C LEU D 30 -8.73 -13.90 -5.19
N GLU D 31 -8.24 -14.27 -6.37
CA GLU D 31 -9.09 -14.85 -7.40
C GLU D 31 -9.23 -16.34 -7.16
N VAL D 32 -10.48 -16.80 -7.00
CA VAL D 32 -10.77 -18.19 -6.66
C VAL D 32 -11.33 -18.97 -7.86
N LYS D 40 -14.96 -17.18 -12.47
CA LYS D 40 -13.96 -16.67 -11.53
C LYS D 40 -14.53 -15.57 -10.63
N GLU D 41 -14.39 -15.77 -9.32
CA GLU D 41 -14.80 -14.76 -8.34
C GLU D 41 -13.58 -14.26 -7.58
N PHE D 42 -13.75 -13.16 -6.85
CA PHE D 42 -12.70 -12.69 -5.97
C PHE D 42 -13.18 -12.41 -4.54
N ILE D 43 -12.27 -12.57 -3.59
CA ILE D 43 -12.50 -12.14 -2.21
C ILE D 43 -11.22 -11.51 -1.69
N VAL D 44 -11.36 -10.50 -0.83
CA VAL D 44 -10.23 -9.82 -0.23
C VAL D 44 -9.75 -10.60 0.98
N ILE D 45 -8.44 -10.69 1.13
CA ILE D 45 -7.82 -11.24 2.33
C ILE D 45 -7.25 -10.06 3.10
N ARG D 46 -7.50 -10.02 4.41
CA ARG D 46 -6.99 -8.93 5.24
C ARG D 46 -6.03 -9.46 6.30
N CYS D 47 -4.79 -9.00 6.24
CA CYS D 47 -3.74 -9.43 7.15
C CYS D 47 -3.41 -8.26 8.07
N MET D 48 -3.57 -8.46 9.37
CA MET D 48 -3.45 -7.38 10.34
C MET D 48 -2.00 -7.17 10.77
N GLN D 60 6.12 -13.09 1.77
CA GLN D 60 6.54 -13.74 0.54
C GLN D 60 5.38 -13.85 -0.45
N VAL D 61 4.22 -13.33 -0.05
CA VAL D 61 3.04 -13.32 -0.91
C VAL D 61 3.12 -12.19 -1.93
N LYS D 62 3.25 -12.55 -3.21
CA LYS D 62 3.43 -11.58 -4.30
C LYS D 62 2.22 -11.59 -5.23
N LEU D 63 2.10 -10.55 -6.06
CA LEU D 63 1.14 -10.55 -7.18
C LEU D 63 1.38 -11.79 -8.05
N GLY D 64 0.32 -12.54 -8.33
CA GLY D 64 0.41 -13.73 -9.16
C GLY D 64 0.72 -15.03 -8.44
N SER D 65 1.08 -14.95 -7.17
CA SER D 65 1.32 -16.13 -6.33
C SER D 65 0.05 -16.96 -6.20
N ARG D 66 0.18 -18.28 -6.28
CA ARG D 66 -0.89 -19.19 -5.90
C ARG D 66 -0.76 -19.43 -4.40
N VAL D 67 -1.83 -19.21 -3.66
CA VAL D 67 -1.79 -19.29 -2.19
C VAL D 67 -2.90 -20.15 -1.61
N LEU D 68 -2.62 -20.68 -0.41
CA LEU D 68 -3.64 -21.25 0.45
C LEU D 68 -3.82 -20.30 1.62
N VAL D 69 -5.08 -20.00 1.95
CA VAL D 69 -5.39 -19.07 3.03
C VAL D 69 -6.32 -19.70 4.08
N GLN D 70 -5.94 -19.56 5.36
CA GLN D 70 -6.77 -19.98 6.49
C GLN D 70 -7.05 -18.77 7.37
N GLY D 71 -8.33 -18.52 7.60
CA GLY D 71 -8.77 -17.45 8.48
C GLY D 71 -10.27 -17.39 8.67
N THR D 72 -10.75 -16.26 9.16
CA THR D 72 -12.16 -16.11 9.49
C THR D 72 -12.88 -15.33 8.41
N LEU D 73 -13.96 -15.90 7.91
CA LEU D 73 -14.80 -15.24 6.92
C LEU D 73 -15.63 -14.15 7.58
N ARG D 74 -15.45 -12.91 7.13
CA ARG D 74 -16.18 -11.77 7.67
C ARG D 74 -17.06 -11.18 6.57
N MET D 75 -18.36 -11.07 6.86
CA MET D 75 -19.30 -10.48 5.91
C MET D 75 -19.09 -8.97 5.76
N ASN D 76 -18.70 -8.32 6.87
CA ASN D 76 -18.21 -6.93 6.87
C ASN D 76 -19.17 -5.95 6.17
N ARG D 77 -20.40 -5.92 6.65
CA ARG D 77 -21.45 -5.10 6.04
C ARG D 77 -21.33 -3.60 6.41
N HIS D 78 -21.39 -2.75 5.39
CA HIS D 78 -21.31 -1.28 5.53
C HIS D 78 -22.40 -0.63 4.71
N VAL D 79 -22.83 0.55 5.14
CA VAL D 79 -23.88 1.31 4.45
C VAL D 79 -23.25 2.16 3.34
N ASP D 80 -23.73 1.97 2.13
CA ASP D 80 -23.24 2.68 0.95
C ASP D 80 -23.53 4.17 1.10
N ASP D 81 -22.52 4.99 0.85
CA ASP D 81 -22.66 6.44 0.96
C ASP D 81 -23.74 7.00 0.02
N VAL D 82 -23.77 6.50 -1.21
CA VAL D 82 -24.69 6.98 -2.25
C VAL D 82 -26.10 6.41 -2.09
N SER D 83 -26.23 5.08 -2.10
CA SER D 83 -27.57 4.46 -2.08
C SER D 83 -28.19 4.34 -0.69
N LYS D 84 -27.35 4.41 0.36
CA LYS D 84 -27.80 4.28 1.76
C LYS D 84 -28.31 2.85 2.07
N ARG D 85 -27.94 1.91 1.20
CA ARG D 85 -28.26 0.49 1.37
C ARG D 85 -27.09 -0.21 2.05
N LEU D 86 -27.41 -1.28 2.77
CA LEU D 86 -26.39 -2.08 3.47
C LEU D 86 -25.89 -3.17 2.52
N HIS D 87 -24.57 -3.22 2.32
CA HIS D 87 -23.95 -4.27 1.51
C HIS D 87 -22.84 -4.98 2.24
N ALA D 88 -22.64 -6.25 1.94
CA ALA D 88 -21.47 -6.96 2.44
C ALA D 88 -20.24 -6.55 1.65
N TYR D 89 -19.11 -6.48 2.34
CA TYR D 89 -17.78 -6.29 1.72
C TYR D 89 -16.88 -7.38 2.29
N PRO D 90 -17.11 -8.65 1.88
CA PRO D 90 -16.55 -9.78 2.60
C PRO D 90 -15.03 -9.87 2.52
N PHE D 91 -14.44 -10.42 3.57
CA PHE D 91 -13.01 -10.66 3.57
C PHE D 91 -12.64 -11.84 4.47
N ILE D 92 -11.48 -12.42 4.21
CA ILE D 92 -10.93 -13.45 5.08
C ILE D 92 -9.93 -12.76 6.00
N GLN D 93 -10.17 -12.88 7.30
CA GLN D 93 -9.37 -12.22 8.32
C GLN D 93 -8.23 -13.14 8.74
N VAL D 94 -7.00 -12.69 8.51
CA VAL D 94 -5.81 -13.42 8.91
C VAL D 94 -5.12 -12.68 10.07
N VAL D 95 -5.12 -13.31 11.25
CA VAL D 95 -4.51 -12.73 12.45
C VAL D 95 -3.49 -13.71 13.05
N LEU D 98 -3.05 -17.86 14.72
CA LEU D 98 -4.34 -18.41 14.34
C LEU D 98 -4.45 -18.58 12.82
N GLY D 99 -4.35 -17.46 12.10
CA GLY D 99 -4.49 -17.44 10.66
C GLY D 99 -3.16 -17.36 9.92
N TYR D 100 -3.17 -17.78 8.65
CA TYR D 100 -1.99 -17.72 7.78
C TYR D 100 -2.36 -17.57 6.31
N VAL D 101 -1.39 -17.14 5.51
CA VAL D 101 -1.46 -17.24 4.06
C VAL D 101 -0.12 -17.78 3.55
N LYS D 102 -0.14 -18.99 2.99
CA LYS D 102 1.08 -19.62 2.52
C LYS D 102 1.12 -19.82 1.00
N VAL D 103 2.27 -19.48 0.42
CA VAL D 103 2.51 -19.63 -1.02
C VAL D 103 2.61 -21.12 -1.34
N VAL D 104 1.88 -21.55 -2.37
CA VAL D 104 1.79 -22.97 -2.72
C VAL D 104 2.07 -23.24 -4.21
N GLY D 105 2.18 -22.17 -4.99
CA GLY D 105 2.50 -22.26 -6.41
C GLY D 105 3.89 -22.77 -6.68
NA NA E . -3.69 -0.17 -7.21
NA NA F . 8.27 -3.15 -33.26
#